data_8TJ8
#
_entry.id   8TJ8
#
_cell.length_a   100.031
_cell.length_b   100.031
_cell.length_c   385.290
_cell.angle_alpha   90.00
_cell.angle_beta   90.00
_cell.angle_gamma   120.00
#
_symmetry.space_group_name_H-M   'H 3 2'
#
loop_
_entity.id
_entity.type
_entity.pdbx_description
1 polymer 'Hemagglutinin HA1 chain'
2 polymer 'Hemagglutinin HA2 chain'
3 branched beta-D-mannopyranose-(1-4)-2-acetamido-2-deoxy-beta-D-glucopyranose-(1-4)-2-acetamido-2-deoxy-beta-D-glucopyranose
4 branched alpha-D-mannopyranose-(1-3)-beta-D-mannopyranose-(1-4)-2-acetamido-2-deoxy-beta-D-glucopyranose-(1-4)-2-acetamido-2-deoxy-beta-D-glucopyranose
5 branched 2-acetamido-2-deoxy-beta-D-glucopyranose-(1-4)-2-acetamido-2-deoxy-beta-D-glucopyranose
6 branched 'N-acetyl-alpha-neuraminic acid-(2-6)-beta-D-galactopyranose-(1-4)-2-acetamido-2-deoxy-beta-D-glucopyranose-(1-3)-beta-D-galactopyranose'
7 non-polymer 2-acetamido-2-deoxy-beta-D-glucopyranose
8 water water
#
loop_
_entity_poly.entity_id
_entity_poly.type
_entity_poly.pdbx_seq_one_letter_code
_entity_poly.pdbx_strand_id
1 'polypeptide(L)'
;ADPGATLCLGHHAVPNGTLVKTITNDQIEVTNATELVQSSSTGRICDSPHQILDGENCTLIDALLGDPHCDGFQNKEWDL
FVERSKAYSNCYPYDVPDYASLRSLVASSGTLEFNNESFNWTGVAQNGTSSACKRRSINSFFSRLNWLHQLKYRYPALNV
TMPNNDKFDKLYIWGVHHPSTDSDQTSLYTQASGRVTVSTKRSQQTVIPNIGSRPWVRGISSRISIYWTIVKPGDILLIN
STGNLIAPRGYFKIRSGKSSIMRSDAPIGKCNSECITPNGSIPNDKPFQNVNRITYGACPRYVKQNTLKLATGMRNVPEK
QTR
;
A
2 'polypeptide(L)'
;GIFGAIAGFIENGWEGMMDGWYGFRHQNSEGTGQAADLKSTQAAINQINGKLNRLIEKTNEKFHQIEKEFSEVEGRIQDL
EKYVEDTKIDLWSYNAELLVALENQHTIDLTDSEMNKLFERTRKQLRENAEDMGNGCFKIYHKCDNACIGSIRNGTYDHD
VYRDEALNNRFQIK
;
B
#
# COMPACT_ATOMS: atom_id res chain seq x y z
N PRO A 3 63.45 -0.63 21.90
CA PRO A 3 62.30 -1.54 22.04
C PRO A 3 61.19 -1.25 21.02
N GLY A 4 61.10 0.00 20.57
CA GLY A 4 60.19 0.34 19.49
C GLY A 4 58.73 0.38 19.92
N ALA A 5 57.86 0.08 18.96
CA ALA A 5 56.41 0.08 19.17
C ALA A 5 55.74 -0.57 17.98
N THR A 6 54.51 -1.06 18.21
CA THR A 6 53.68 -1.65 17.16
C THR A 6 52.32 -0.96 17.16
N LEU A 7 51.82 -0.62 15.97
CA LEU A 7 50.55 0.07 15.81
C LEU A 7 49.68 -0.74 14.86
N CYS A 8 48.53 -1.18 15.34
CA CYS A 8 47.65 -2.08 14.59
C CYS A 8 46.37 -1.36 14.20
N LEU A 9 46.02 -1.45 12.92
CA LEU A 9 44.77 -0.92 12.39
C LEU A 9 43.74 -2.04 12.36
N GLY A 10 42.51 -1.72 12.74
CA GLY A 10 41.50 -2.75 12.80
C GLY A 10 40.11 -2.18 12.74
N HIS A 11 39.14 -3.08 12.96
CA HIS A 11 37.74 -2.76 12.85
C HIS A 11 36.98 -3.50 13.95
N HIS A 12 35.73 -3.11 14.16
CA HIS A 12 34.96 -3.67 15.26
C HIS A 12 34.31 -4.97 14.84
N ALA A 13 33.65 -5.62 15.80
CA ALA A 13 32.93 -6.86 15.55
C ALA A 13 31.95 -7.08 16.70
N VAL A 14 31.02 -8.00 16.49
CA VAL A 14 29.98 -8.28 17.47
C VAL A 14 29.86 -9.79 17.65
N PRO A 15 29.35 -10.24 18.80
CA PRO A 15 29.06 -11.68 18.96
C PRO A 15 27.77 -12.14 18.28
N ASN A 16 26.81 -11.23 18.06
CA ASN A 16 25.51 -11.56 17.49
C ASN A 16 25.34 -10.85 16.15
N GLY A 17 25.94 -11.42 15.11
CA GLY A 17 25.78 -10.88 13.77
C GLY A 17 24.48 -11.29 13.10
N THR A 18 24.23 -10.70 11.94
CA THR A 18 23.04 -11.00 11.15
C THR A 18 23.43 -11.51 9.76
N LEU A 19 22.61 -12.40 9.22
CA LEU A 19 22.83 -12.97 7.89
C LEU A 19 22.12 -12.09 6.87
N VAL A 20 22.82 -11.78 5.77
CA VAL A 20 22.25 -11.03 4.66
C VAL A 20 22.64 -11.70 3.34
N LYS A 21 21.94 -11.33 2.29
CA LYS A 21 22.23 -11.80 0.94
C LYS A 21 23.04 -10.76 0.18
N THR A 22 23.89 -11.24 -0.72
CA THR A 22 24.61 -10.35 -1.63
C THR A 22 24.51 -10.85 -3.06
N ILE A 23 25.25 -10.22 -3.97
CA ILE A 23 25.33 -10.68 -5.34
C ILE A 23 25.98 -12.06 -5.41
N THR A 24 27.01 -12.28 -4.59
CA THR A 24 27.85 -13.47 -4.67
C THR A 24 27.56 -14.50 -3.56
N ASN A 25 26.69 -14.17 -2.62
CA ASN A 25 26.52 -15.00 -1.42
C ASN A 25 25.12 -14.76 -0.87
N ASP A 26 24.40 -15.84 -0.58
CA ASP A 26 23.06 -15.69 -0.01
C ASP A 26 23.05 -15.78 1.51
N GLN A 27 24.19 -16.05 2.14
CA GLN A 27 24.30 -15.94 3.60
C GLN A 27 25.70 -15.43 3.93
N ILE A 28 25.81 -14.16 4.32
CA ILE A 28 27.06 -13.61 4.84
C ILE A 28 26.75 -12.77 6.06
N GLU A 29 27.60 -12.85 7.08
CA GLU A 29 27.32 -12.22 8.37
C GLU A 29 27.85 -10.79 8.38
N VAL A 30 26.98 -9.85 8.75
CA VAL A 30 27.35 -8.47 8.96
C VAL A 30 27.05 -8.12 10.41
N THR A 31 27.55 -6.95 10.84
CA THR A 31 27.41 -6.56 12.23
C THR A 31 25.97 -6.20 12.58
N ASN A 32 25.20 -5.71 11.61
CA ASN A 32 23.86 -5.21 11.88
C ASN A 32 23.09 -5.15 10.58
N ALA A 33 21.77 -5.24 10.68
CA ALA A 33 20.91 -5.14 9.51
C ALA A 33 19.56 -4.58 9.93
N THR A 34 18.77 -4.19 8.93
CA THR A 34 17.42 -3.69 9.15
C THR A 34 16.48 -4.38 8.17
N GLU A 35 15.24 -4.56 8.60
CA GLU A 35 14.23 -5.29 7.85
C GLU A 35 13.51 -4.35 6.90
N LEU A 36 13.33 -4.79 5.65
CA LEU A 36 12.70 -3.97 4.63
C LEU A 36 11.30 -4.43 4.25
N VAL A 37 10.82 -5.56 4.76
CA VAL A 37 9.50 -6.07 4.42
C VAL A 37 8.64 -5.98 5.68
N GLN A 38 7.63 -5.10 5.63
CA GLN A 38 6.62 -5.03 6.67
C GLN A 38 5.76 -6.29 6.61
N SER A 39 5.77 -7.08 7.68
CA SER A 39 5.09 -8.36 7.67
C SER A 39 4.09 -8.52 8.81
N SER A 40 3.78 -7.45 9.55
CA SER A 40 2.81 -7.50 10.63
C SER A 40 1.87 -6.31 10.52
N SER A 41 0.64 -6.50 10.99
CA SER A 41 -0.35 -5.42 11.03
C SER A 41 -0.83 -5.24 12.45
N THR A 42 -1.42 -4.07 12.72
CA THR A 42 -1.99 -3.81 14.03
C THR A 42 -3.29 -4.56 14.27
N GLY A 43 -3.90 -5.11 13.22
CA GLY A 43 -5.14 -5.84 13.35
C GLY A 43 -6.40 -5.01 13.29
N ARG A 44 -6.28 -3.68 13.31
CA ARG A 44 -7.41 -2.78 13.24
C ARG A 44 -7.16 -1.69 12.20
N ILE A 45 -8.25 -1.19 11.64
CA ILE A 45 -8.19 -0.12 10.64
C ILE A 45 -8.24 1.21 11.38
N CYS A 46 -7.21 2.04 11.18
CA CYS A 46 -7.15 3.32 11.87
C CYS A 46 -8.11 4.32 11.21
N ASP A 47 -8.94 4.96 12.03
CA ASP A 47 -9.92 5.92 11.53
C ASP A 47 -9.30 7.26 11.13
N SER A 48 -7.98 7.37 11.15
CA SER A 48 -7.26 8.56 10.76
C SER A 48 -5.99 8.15 10.02
N PRO A 49 -5.51 8.98 9.08
CA PRO A 49 -6.00 10.30 8.70
C PRO A 49 -7.06 10.30 7.60
N HIS A 50 -7.47 9.12 7.15
CA HIS A 50 -8.45 9.01 6.08
C HIS A 50 -9.87 8.95 6.65
N GLN A 51 -10.84 9.38 5.83
CA GLN A 51 -12.24 9.29 6.21
C GLN A 51 -12.74 7.88 5.94
N ILE A 52 -12.95 7.12 7.01
CA ILE A 52 -13.38 5.73 6.92
C ILE A 52 -14.89 5.66 7.10
N LEU A 53 -15.57 4.97 6.18
CA LEU A 53 -16.99 4.70 6.31
C LEU A 53 -17.17 3.20 6.54
N ASP A 54 -17.52 2.84 7.77
CA ASP A 54 -17.80 1.46 8.14
C ASP A 54 -19.19 1.10 7.60
N GLY A 55 -19.23 0.25 6.57
CA GLY A 55 -20.49 -0.19 6.01
C GLY A 55 -21.36 -0.95 6.99
N GLU A 56 -20.75 -1.59 7.98
CA GLU A 56 -21.46 -2.38 8.97
C GLU A 56 -22.33 -3.44 8.30
N ASN A 57 -23.63 -3.30 8.42
CA ASN A 57 -24.57 -4.26 7.86
C ASN A 57 -24.92 -3.99 6.40
N CYS A 58 -24.35 -2.96 5.79
CA CYS A 58 -24.79 -2.49 4.49
C CYS A 58 -23.67 -2.57 3.46
N THR A 59 -23.99 -3.09 2.28
CA THR A 59 -23.12 -2.90 1.13
C THR A 59 -23.25 -1.48 0.61
N LEU A 60 -22.28 -1.07 -0.22
CA LEU A 60 -22.38 0.24 -0.85
C LEU A 60 -23.62 0.35 -1.72
N ILE A 61 -23.89 -0.69 -2.52
CA ILE A 61 -25.04 -0.68 -3.42
C ILE A 61 -26.33 -0.48 -2.64
N ASP A 62 -26.48 -1.20 -1.52
CA ASP A 62 -27.70 -1.10 -0.73
C ASP A 62 -27.85 0.28 -0.11
N ALA A 63 -26.73 0.92 0.26
CA ALA A 63 -26.80 2.31 0.70
C ALA A 63 -27.19 3.22 -0.44
N LEU A 64 -26.61 3.00 -1.62
CA LEU A 64 -26.98 3.77 -2.82
C LEU A 64 -28.48 3.67 -3.09
N LEU A 65 -29.00 2.44 -3.18
CA LEU A 65 -30.40 2.25 -3.53
C LEU A 65 -31.35 2.74 -2.44
N GLY A 66 -30.95 2.63 -1.18
CA GLY A 66 -31.80 3.08 -0.09
C GLY A 66 -32.59 1.97 0.59
N ASP A 67 -31.94 0.81 0.73
CA ASP A 67 -32.44 -0.24 1.59
C ASP A 67 -32.75 0.34 2.97
N PRO A 68 -33.93 0.06 3.55
CA PRO A 68 -34.34 0.75 4.78
C PRO A 68 -33.33 0.70 5.93
N HIS A 69 -32.72 -0.45 6.20
CA HIS A 69 -31.75 -0.46 7.29
C HIS A 69 -30.45 0.26 6.92
N CYS A 70 -30.34 0.74 5.69
CA CYS A 70 -29.21 1.54 5.24
C CYS A 70 -29.55 3.03 5.11
N ASP A 71 -30.71 3.45 5.61
CA ASP A 71 -31.10 4.85 5.50
C ASP A 71 -30.11 5.80 6.15
N GLY A 72 -29.35 5.34 7.14
CA GLY A 72 -28.38 6.21 7.80
C GLY A 72 -27.25 6.69 6.92
N PHE A 73 -26.93 5.97 5.84
CA PHE A 73 -25.80 6.31 4.99
C PHE A 73 -26.10 7.41 3.98
N GLN A 74 -27.30 7.97 3.98
CA GLN A 74 -27.71 8.91 2.94
C GLN A 74 -26.80 10.15 2.94
N ASN A 75 -26.29 10.48 1.76
CA ASN A 75 -25.50 11.67 1.46
C ASN A 75 -24.13 11.67 2.13
N LYS A 76 -23.67 10.54 2.65
CA LYS A 76 -22.35 10.50 3.26
C LYS A 76 -21.27 10.45 2.19
N GLU A 77 -20.11 11.00 2.53
CA GLU A 77 -18.90 10.87 1.74
C GLU A 77 -17.92 9.94 2.45
N TRP A 78 -16.84 9.59 1.74
CA TRP A 78 -15.87 8.68 2.32
C TRP A 78 -14.57 8.77 1.54
N ASP A 79 -13.46 8.54 2.25
CA ASP A 79 -12.21 8.22 1.59
C ASP A 79 -12.10 6.72 1.32
N LEU A 80 -12.51 5.90 2.29
CA LEU A 80 -12.48 4.45 2.15
C LEU A 80 -13.75 3.87 2.75
N PHE A 81 -14.53 3.18 1.92
CA PHE A 81 -15.74 2.47 2.35
C PHE A 81 -15.37 1.02 2.67
N VAL A 82 -15.70 0.57 3.89
CA VAL A 82 -15.32 -0.75 4.37
C VAL A 82 -16.56 -1.62 4.38
N GLU A 83 -16.56 -2.66 3.53
CA GLU A 83 -17.67 -3.58 3.40
C GLU A 83 -17.42 -4.80 4.27
N ARG A 84 -18.33 -5.06 5.21
CA ARG A 84 -18.24 -6.20 6.09
C ARG A 84 -18.90 -7.42 5.46
N SER A 85 -18.40 -8.60 5.81
CA SER A 85 -18.96 -9.84 5.29
C SER A 85 -20.32 -10.15 5.89
N LYS A 86 -20.67 -9.54 7.03
CA LYS A 86 -21.95 -9.77 7.68
C LYS A 86 -23.08 -8.96 7.04
N ALA A 87 -22.79 -8.15 6.04
CA ALA A 87 -23.83 -7.31 5.43
C ALA A 87 -24.88 -8.17 4.74
N TYR A 88 -26.10 -7.64 4.69
CA TYR A 88 -27.22 -8.35 4.11
C TYR A 88 -28.14 -7.36 3.41
N SER A 89 -28.92 -7.86 2.47
CA SER A 89 -29.96 -7.07 1.82
C SER A 89 -31.30 -7.39 2.45
N ASN A 90 -32.09 -6.35 2.73
CA ASN A 90 -33.37 -6.50 3.40
C ASN A 90 -34.43 -5.63 2.76
N CYS A 91 -34.42 -5.55 1.43
CA CYS A 91 -35.47 -4.85 0.69
C CYS A 91 -35.97 -5.74 -0.44
N TYR A 92 -36.48 -5.16 -1.51
CA TYR A 92 -37.00 -5.98 -2.61
C TYR A 92 -35.84 -6.68 -3.31
N PRO A 93 -35.95 -7.97 -3.60
CA PRO A 93 -34.82 -8.68 -4.22
C PRO A 93 -34.50 -8.13 -5.60
N TYR A 94 -33.21 -8.04 -5.89
CA TYR A 94 -32.73 -7.36 -7.08
C TYR A 94 -31.45 -8.01 -7.57
N ASP A 95 -31.13 -7.79 -8.83
CA ASP A 95 -29.80 -8.04 -9.35
C ASP A 95 -29.37 -6.86 -10.19
N VAL A 96 -28.07 -6.75 -10.43
CA VAL A 96 -27.48 -5.62 -11.15
C VAL A 96 -26.58 -6.12 -12.27
N PRO A 97 -27.00 -5.99 -13.54
CA PRO A 97 -26.04 -6.20 -14.64
C PRO A 97 -24.85 -5.27 -14.47
N ASP A 98 -23.65 -5.85 -14.56
CA ASP A 98 -22.41 -5.13 -14.25
C ASP A 98 -22.48 -4.51 -12.87
N TYR A 99 -22.84 -5.33 -11.88
CA TYR A 99 -22.78 -4.93 -10.48
C TYR A 99 -21.41 -4.34 -10.13
N ALA A 100 -20.35 -4.99 -10.61
CA ALA A 100 -18.99 -4.58 -10.26
C ALA A 100 -18.69 -3.16 -10.74
N SER A 101 -19.11 -2.81 -11.96
CA SER A 101 -18.81 -1.49 -12.49
C SER A 101 -19.55 -0.41 -11.72
N LEU A 102 -20.80 -0.68 -11.33
CA LEU A 102 -21.55 0.31 -10.56
C LEU A 102 -20.92 0.51 -9.19
N ARG A 103 -20.49 -0.59 -8.54
CA ARG A 103 -19.83 -0.50 -7.25
C ARG A 103 -18.53 0.31 -7.36
N SER A 104 -17.75 0.07 -8.41
CA SER A 104 -16.46 0.74 -8.54
C SER A 104 -16.61 2.23 -8.81
N LEU A 105 -17.55 2.60 -9.69
CA LEU A 105 -17.69 4.01 -10.05
C LEU A 105 -18.20 4.83 -8.86
N VAL A 106 -19.09 4.26 -8.06
CA VAL A 106 -19.57 4.95 -6.88
C VAL A 106 -18.48 5.01 -5.81
N ALA A 107 -17.83 3.86 -5.57
CA ALA A 107 -16.69 3.83 -4.66
C ALA A 107 -15.64 4.85 -5.06
N SER A 108 -15.30 4.89 -6.35
CA SER A 108 -14.32 5.85 -6.84
C SER A 108 -14.81 7.28 -6.64
N SER A 109 -16.10 7.53 -6.85
CA SER A 109 -16.64 8.88 -6.74
C SER A 109 -16.63 9.38 -5.29
N GLY A 110 -16.84 8.49 -4.33
CA GLY A 110 -16.66 8.84 -2.93
C GLY A 110 -17.76 9.63 -2.29
N THR A 111 -18.98 9.61 -2.84
CA THR A 111 -20.07 10.38 -2.26
C THR A 111 -21.40 9.72 -2.56
N LEU A 112 -22.32 9.80 -1.60
CA LEU A 112 -23.69 9.35 -1.77
C LEU A 112 -24.66 10.53 -1.88
N GLU A 113 -24.13 11.73 -2.14
CA GLU A 113 -24.95 12.92 -2.27
C GLU A 113 -26.04 12.71 -3.32
N PHE A 114 -27.27 13.04 -2.95
CA PHE A 114 -28.43 12.80 -3.79
C PHE A 114 -29.31 14.04 -3.77
N ASN A 115 -29.53 14.63 -4.94
CA ASN A 115 -30.49 15.72 -5.10
C ASN A 115 -31.77 15.15 -5.69
N ASN A 116 -32.90 15.53 -5.09
CA ASN A 116 -34.19 15.10 -5.60
C ASN A 116 -34.61 15.97 -6.78
N GLU A 117 -35.42 15.40 -7.67
CA GLU A 117 -35.86 16.09 -8.87
C GLU A 117 -37.32 15.76 -9.12
N SER A 118 -38.07 16.74 -9.63
CA SER A 118 -39.52 16.62 -9.83
C SER A 118 -39.80 16.11 -11.24
N PHE A 119 -40.00 14.80 -11.35
CA PHE A 119 -40.40 14.19 -12.61
C PHE A 119 -41.91 14.23 -12.75
N ASN A 120 -42.37 14.48 -13.98
CA ASN A 120 -43.81 14.56 -14.26
C ASN A 120 -44.35 13.16 -14.52
N TRP A 121 -44.70 12.44 -13.46
CA TRP A 121 -45.40 11.16 -13.61
C TRP A 121 -46.90 11.36 -13.46
N THR A 122 -47.49 12.07 -14.42
CA THR A 122 -48.94 12.18 -14.51
C THR A 122 -49.45 11.05 -15.41
N GLY A 123 -50.38 10.25 -14.90
CA GLY A 123 -50.87 9.10 -15.64
C GLY A 123 -50.74 7.79 -14.88
N VAL A 124 -49.79 7.72 -13.96
CA VAL A 124 -49.53 6.51 -13.19
C VAL A 124 -49.54 6.83 -11.71
N ALA A 125 -49.85 5.81 -10.90
CA ALA A 125 -49.68 5.93 -9.47
C ALA A 125 -48.20 5.82 -9.11
N GLN A 126 -47.82 6.45 -8.02
CA GLN A 126 -46.43 6.45 -7.57
C GLN A 126 -46.30 5.71 -6.25
N ASN A 127 -45.06 5.58 -5.80
CA ASN A 127 -44.76 5.23 -4.41
C ASN A 127 -45.24 3.83 -4.04
N GLY A 128 -45.06 2.88 -4.97
CA GLY A 128 -45.38 1.50 -4.68
C GLY A 128 -44.48 0.92 -3.61
N THR A 129 -45.03 -0.02 -2.83
CA THR A 129 -44.37 -0.55 -1.66
C THR A 129 -44.49 -2.08 -1.65
N SER A 130 -43.85 -2.69 -0.66
CA SER A 130 -43.87 -4.15 -0.53
C SER A 130 -43.50 -4.53 0.89
N SER A 131 -43.95 -5.73 1.30
CA SER A 131 -43.59 -6.28 2.60
C SER A 131 -42.18 -6.85 2.64
N ALA A 132 -41.52 -7.01 1.50
CA ALA A 132 -40.11 -7.38 1.52
C ALA A 132 -39.21 -6.19 1.84
N CYS A 133 -39.78 -5.00 1.99
CA CYS A 133 -38.99 -3.78 2.19
C CYS A 133 -39.78 -2.89 3.15
N LYS A 134 -39.54 -3.05 4.44
CA LYS A 134 -40.30 -2.39 5.48
C LYS A 134 -39.48 -1.27 6.13
N ARG A 135 -40.16 -0.16 6.44
CA ARG A 135 -39.62 0.93 7.24
C ARG A 135 -40.51 1.06 8.47
N ARG A 136 -39.95 0.70 9.63
CA ARG A 136 -40.69 0.69 10.89
C ARG A 136 -42.01 -0.07 10.73
N SER A 137 -41.89 -1.34 10.32
CA SER A 137 -42.99 -2.27 10.17
C SER A 137 -43.91 -1.96 8.99
N ILE A 138 -43.79 -0.76 8.41
CA ILE A 138 -44.68 -0.33 7.34
C ILE A 138 -44.08 -0.70 6.00
N ASN A 139 -44.92 -1.24 5.10
CA ASN A 139 -44.52 -1.53 3.74
C ASN A 139 -43.90 -0.31 3.09
N SER A 140 -42.72 -0.48 2.50
CA SER A 140 -42.02 0.65 1.89
C SER A 140 -41.20 0.13 0.71
N PHE A 141 -40.25 0.95 0.25
CA PHE A 141 -39.46 0.64 -0.93
C PHE A 141 -38.09 1.31 -0.80
N PHE A 142 -37.27 1.13 -1.83
CA PHE A 142 -35.97 1.81 -1.88
C PHE A 142 -36.17 3.31 -1.83
N SER A 143 -35.42 3.97 -0.93
CA SER A 143 -35.60 5.40 -0.70
C SER A 143 -35.37 6.21 -1.97
N ARG A 144 -34.44 5.79 -2.81
CA ARG A 144 -34.04 6.55 -3.99
C ARG A 144 -34.75 6.08 -5.26
N LEU A 145 -35.68 5.13 -5.14
CA LEU A 145 -36.39 4.60 -6.30
C LEU A 145 -37.89 4.78 -6.11
N ASN A 146 -38.61 4.90 -7.24
CA ASN A 146 -40.03 5.22 -7.24
C ASN A 146 -40.77 4.16 -8.05
N TRP A 147 -41.53 3.31 -7.37
CA TRP A 147 -42.26 2.21 -8.00
C TRP A 147 -43.56 2.76 -8.60
N LEU A 148 -43.59 2.89 -9.93
CA LEU A 148 -44.76 3.39 -10.63
C LEU A 148 -45.63 2.21 -11.06
N HIS A 149 -46.94 2.32 -10.83
CA HIS A 149 -47.88 1.29 -11.23
C HIS A 149 -49.14 1.96 -11.76
N GLN A 150 -50.11 1.15 -12.16
CA GLN A 150 -51.28 1.67 -12.86
C GLN A 150 -52.08 2.63 -11.99
N LEU A 151 -52.90 3.43 -12.67
CA LEU A 151 -53.82 4.35 -12.02
C LEU A 151 -55.18 4.16 -12.67
N LYS A 152 -56.15 3.67 -11.89
CA LYS A 152 -57.50 3.35 -12.38
C LYS A 152 -57.43 2.39 -13.57
N TYR A 153 -56.60 1.35 -13.41
CA TYR A 153 -56.44 0.28 -14.40
C TYR A 153 -55.89 0.78 -15.73
N ARG A 154 -55.06 1.81 -15.73
CA ARG A 154 -54.47 2.32 -16.95
C ARG A 154 -53.03 2.76 -16.70
N TYR A 155 -52.15 2.40 -17.62
CA TYR A 155 -50.73 2.78 -17.59
C TYR A 155 -50.39 3.38 -18.95
N PRO A 156 -50.45 4.70 -19.09
CA PRO A 156 -50.20 5.31 -20.39
C PRO A 156 -48.72 5.26 -20.74
N ALA A 157 -48.44 5.63 -21.99
CA ALA A 157 -47.06 5.70 -22.47
C ALA A 157 -46.38 6.90 -21.83
N LEU A 158 -45.55 6.64 -20.83
CA LEU A 158 -44.85 7.72 -20.14
C LEU A 158 -43.73 8.28 -21.00
N ASN A 159 -43.52 9.59 -20.88
CA ASN A 159 -42.53 10.30 -21.68
C ASN A 159 -42.11 11.54 -20.90
N VAL A 160 -41.01 11.42 -20.15
CA VAL A 160 -40.58 12.46 -19.22
C VAL A 160 -39.13 12.83 -19.50
N THR A 161 -38.82 14.12 -19.37
CA THR A 161 -37.52 14.66 -19.69
C THR A 161 -36.93 15.35 -18.45
N MET A 162 -35.61 15.29 -18.34
CA MET A 162 -34.89 15.95 -17.24
C MET A 162 -33.56 16.45 -17.78
N PRO A 163 -33.44 17.75 -18.05
CA PRO A 163 -32.19 18.27 -18.60
C PRO A 163 -31.15 18.53 -17.51
N ASN A 164 -29.92 18.15 -17.80
CA ASN A 164 -28.78 18.50 -16.93
C ASN A 164 -28.28 19.86 -17.38
N ASN A 165 -28.68 20.90 -16.65
CA ASN A 165 -28.19 22.26 -16.89
C ASN A 165 -27.15 22.68 -15.86
N ASP A 166 -26.59 21.72 -15.13
CA ASP A 166 -25.56 22.00 -14.14
C ASP A 166 -24.18 21.81 -14.75
N LYS A 167 -23.16 22.18 -13.97
CA LYS A 167 -21.78 22.05 -14.42
C LYS A 167 -21.24 20.64 -14.21
N PHE A 168 -21.86 19.84 -13.35
CA PHE A 168 -21.36 18.53 -12.99
C PHE A 168 -22.14 17.44 -13.72
N ASP A 169 -21.59 16.22 -13.69
CA ASP A 169 -22.28 15.07 -14.21
C ASP A 169 -23.37 14.62 -13.24
N LYS A 170 -24.41 13.99 -13.78
CA LYS A 170 -25.49 13.43 -12.99
C LYS A 170 -25.49 11.92 -13.17
N LEU A 171 -25.60 11.19 -12.05
CA LEU A 171 -25.69 9.74 -12.07
C LEU A 171 -27.10 9.33 -11.68
N TYR A 172 -27.80 8.70 -12.60
CA TYR A 172 -29.19 8.27 -12.41
C TYR A 172 -29.22 6.75 -12.25
N ILE A 173 -29.88 6.27 -11.20
CA ILE A 173 -30.07 4.85 -10.95
C ILE A 173 -31.55 4.52 -11.12
N TRP A 174 -31.83 3.52 -11.94
CA TRP A 174 -33.21 3.16 -12.27
C TRP A 174 -33.29 1.65 -12.49
N GLY A 175 -34.51 1.15 -12.61
CA GLY A 175 -34.72 -0.28 -12.60
C GLY A 175 -35.86 -0.74 -13.49
N VAL A 176 -36.06 -2.06 -13.49
CA VAL A 176 -37.11 -2.74 -14.24
C VAL A 176 -37.66 -3.86 -13.38
N HIS A 177 -38.98 -3.92 -13.23
CA HIS A 177 -39.61 -5.00 -12.49
C HIS A 177 -39.87 -6.18 -13.42
N HIS A 178 -39.51 -7.38 -12.97
CA HIS A 178 -39.74 -8.62 -13.70
C HIS A 178 -40.78 -9.42 -12.93
N PRO A 179 -42.06 -9.31 -13.28
CA PRO A 179 -43.10 -9.93 -12.45
C PRO A 179 -43.04 -11.45 -12.52
N SER A 180 -43.45 -12.08 -11.42
CA SER A 180 -43.47 -13.54 -11.35
C SER A 180 -44.54 -14.14 -12.25
N THR A 181 -45.69 -13.49 -12.37
CA THR A 181 -46.84 -14.06 -13.07
C THR A 181 -47.43 -13.04 -14.05
N ASP A 182 -48.12 -13.55 -15.06
CA ASP A 182 -48.75 -12.69 -16.05
C ASP A 182 -49.85 -11.84 -15.43
N SER A 183 -50.60 -12.43 -14.48
CA SER A 183 -51.59 -11.65 -13.74
C SER A 183 -50.94 -10.52 -12.95
N ASP A 184 -49.79 -10.79 -12.34
CA ASP A 184 -49.05 -9.75 -11.64
C ASP A 184 -48.63 -8.64 -12.60
N GLN A 185 -48.24 -9.01 -13.82
CA GLN A 185 -47.89 -8.03 -14.84
C GLN A 185 -49.07 -7.13 -15.17
N THR A 186 -50.18 -7.73 -15.60
CA THR A 186 -51.35 -6.93 -15.99
C THR A 186 -51.95 -6.17 -14.81
N SER A 187 -51.93 -6.74 -13.62
CA SER A 187 -52.47 -6.04 -12.46
C SER A 187 -51.66 -4.77 -12.18
N LEU A 188 -50.32 -4.87 -12.22
CA LEU A 188 -49.47 -3.76 -11.88
C LEU A 188 -49.36 -2.74 -13.02
N TYR A 189 -49.27 -3.21 -14.26
CA TYR A 189 -48.89 -2.35 -15.37
C TYR A 189 -49.87 -2.41 -16.56
N THR A 190 -50.94 -3.20 -16.46
CA THR A 190 -52.02 -3.34 -17.43
C THR A 190 -51.60 -3.98 -18.75
N GLN A 191 -50.49 -3.57 -19.34
CA GLN A 191 -50.08 -4.19 -20.59
C GLN A 191 -49.54 -5.61 -20.38
N ALA A 192 -49.63 -6.42 -21.43
CA ALA A 192 -49.20 -7.82 -21.34
C ALA A 192 -47.69 -7.93 -21.15
N SER A 193 -46.92 -6.96 -21.64
CA SER A 193 -45.50 -6.90 -21.38
C SER A 193 -45.07 -5.43 -21.44
N GLY A 194 -44.18 -5.04 -20.55
CA GLY A 194 -43.74 -3.66 -20.46
C GLY A 194 -42.56 -3.36 -21.38
N ARG A 195 -41.99 -2.17 -21.16
CA ARG A 195 -40.78 -1.72 -21.83
C ARG A 195 -40.28 -0.47 -21.13
N VAL A 196 -38.96 -0.32 -21.09
CA VAL A 196 -38.32 0.84 -20.49
C VAL A 196 -37.18 1.27 -21.40
N THR A 197 -37.16 2.56 -21.76
CA THR A 197 -36.06 3.13 -22.54
C THR A 197 -35.59 4.42 -21.87
N VAL A 198 -34.40 4.38 -21.29
CA VAL A 198 -33.73 5.58 -20.79
C VAL A 198 -32.63 5.93 -21.78
N SER A 199 -32.56 7.20 -22.18
CA SER A 199 -31.63 7.59 -23.22
C SER A 199 -31.15 9.00 -22.98
N THR A 200 -30.06 9.35 -23.68
CA THR A 200 -29.57 10.73 -23.75
C THR A 200 -29.30 11.07 -25.21
N LYS A 201 -28.65 12.21 -25.45
CA LYS A 201 -28.25 12.54 -26.82
C LYS A 201 -27.24 11.53 -27.36
N ARG A 202 -26.44 10.92 -26.49
CA ARG A 202 -25.32 10.08 -26.92
C ARG A 202 -25.59 8.59 -26.79
N SER A 203 -26.56 8.17 -25.97
CA SER A 203 -26.70 6.75 -25.65
C SER A 203 -28.16 6.40 -25.42
N GLN A 204 -28.40 5.11 -25.20
CA GLN A 204 -29.73 4.55 -25.03
C GLN A 204 -29.61 3.22 -24.33
N GLN A 205 -30.59 2.89 -23.50
CA GLN A 205 -30.71 1.56 -22.90
C GLN A 205 -32.18 1.19 -22.88
N THR A 206 -32.52 0.09 -23.56
CA THR A 206 -33.90 -0.39 -23.65
C THR A 206 -33.98 -1.77 -23.03
N VAL A 207 -34.93 -1.95 -22.11
CA VAL A 207 -35.07 -3.20 -21.36
C VAL A 207 -36.49 -3.72 -21.53
N ILE A 208 -36.61 -4.98 -21.92
CA ILE A 208 -37.89 -5.68 -21.97
C ILE A 208 -38.00 -6.56 -20.73
N PRO A 209 -39.01 -6.39 -19.89
CA PRO A 209 -39.11 -7.24 -18.69
C PRO A 209 -39.39 -8.69 -19.06
N ASN A 210 -39.05 -9.58 -18.13
CA ASN A 210 -39.20 -11.01 -18.30
C ASN A 210 -40.11 -11.54 -17.19
N ILE A 211 -41.29 -11.99 -17.56
CA ILE A 211 -42.24 -12.53 -16.60
C ILE A 211 -41.91 -14.00 -16.36
N GLY A 212 -41.99 -14.40 -15.10
CA GLY A 212 -41.59 -15.73 -14.67
C GLY A 212 -40.99 -15.64 -13.29
N SER A 213 -41.23 -16.69 -12.51
CA SER A 213 -40.77 -16.71 -11.10
C SER A 213 -39.26 -16.86 -11.00
N ARG A 214 -38.71 -16.50 -9.84
CA ARG A 214 -37.26 -16.71 -9.58
C ARG A 214 -37.16 -17.33 -8.19
N PRO A 215 -36.13 -18.15 -7.90
CA PRO A 215 -35.97 -18.71 -6.57
C PRO A 215 -36.48 -17.75 -5.49
N TRP A 216 -37.27 -18.25 -4.53
CA TRP A 216 -37.86 -17.35 -3.56
C TRP A 216 -36.80 -16.73 -2.67
N VAL A 217 -36.81 -15.40 -2.61
CA VAL A 217 -35.92 -14.64 -1.74
C VAL A 217 -36.77 -13.68 -0.92
N ARG A 218 -36.87 -13.92 0.38
CA ARG A 218 -37.46 -12.98 1.34
C ARG A 218 -38.85 -12.53 0.91
N GLY A 219 -39.72 -13.50 0.63
CA GLY A 219 -41.12 -13.26 0.34
C GLY A 219 -41.45 -13.11 -1.13
N ILE A 220 -40.48 -12.82 -1.98
CA ILE A 220 -40.73 -12.45 -3.37
C ILE A 220 -40.14 -13.52 -4.28
N SER A 221 -40.79 -13.73 -5.43
CA SER A 221 -40.23 -14.53 -6.50
C SER A 221 -40.07 -13.75 -7.79
N SER A 222 -40.38 -12.45 -7.79
CA SER A 222 -40.04 -11.56 -8.88
C SER A 222 -38.70 -10.89 -8.58
N ARG A 223 -38.22 -10.07 -9.52
CA ARG A 223 -36.95 -9.38 -9.36
C ARG A 223 -37.03 -7.99 -9.94
N ILE A 224 -36.12 -7.13 -9.49
CA ILE A 224 -35.89 -5.81 -10.07
C ILE A 224 -34.46 -5.79 -10.58
N SER A 225 -34.29 -5.49 -11.86
CA SER A 225 -32.97 -5.31 -12.44
C SER A 225 -32.58 -3.84 -12.32
N ILE A 226 -31.33 -3.58 -11.92
CA ILE A 226 -30.85 -2.23 -11.67
C ILE A 226 -29.90 -1.82 -12.77
N TYR A 227 -30.09 -0.61 -13.30
CA TYR A 227 -29.24 -0.04 -14.33
C TYR A 227 -28.91 1.40 -13.95
N TRP A 228 -27.96 2.01 -14.66
CA TRP A 228 -27.55 3.36 -14.35
C TRP A 228 -27.26 4.14 -15.64
N THR A 229 -27.34 5.46 -15.54
CA THR A 229 -27.15 6.35 -16.67
C THR A 229 -26.50 7.64 -16.19
N ILE A 230 -25.46 8.08 -16.90
CA ILE A 230 -24.73 9.31 -16.56
C ILE A 230 -25.10 10.37 -17.60
N VAL A 231 -25.62 11.50 -17.14
CA VAL A 231 -26.02 12.60 -18.01
C VAL A 231 -25.00 13.72 -17.87
N LYS A 232 -24.40 14.11 -18.98
CA LYS A 232 -23.38 15.14 -19.01
C LYS A 232 -24.03 16.52 -19.00
N PRO A 233 -23.25 17.57 -18.74
CA PRO A 233 -23.81 18.94 -18.84
C PRO A 233 -24.25 19.25 -20.26
N GLY A 234 -25.39 19.94 -20.37
CA GLY A 234 -26.00 20.21 -21.65
C GLY A 234 -26.79 19.05 -22.23
N ASP A 235 -26.73 17.88 -21.60
CA ASP A 235 -27.46 16.70 -22.05
C ASP A 235 -28.81 16.61 -21.34
N ILE A 236 -29.62 15.66 -21.79
CA ILE A 236 -31.00 15.53 -21.32
C ILE A 236 -31.30 14.07 -21.05
N LEU A 237 -31.88 13.79 -19.89
CA LEU A 237 -32.37 12.46 -19.57
C LEU A 237 -33.77 12.29 -20.12
N LEU A 238 -33.98 11.21 -20.88
CA LEU A 238 -35.28 10.90 -21.48
C LEU A 238 -35.69 9.50 -21.06
N ILE A 239 -36.79 9.40 -20.32
CA ILE A 239 -37.29 8.12 -19.82
C ILE A 239 -38.62 7.83 -20.52
N ASN A 240 -38.75 6.63 -21.04
CA ASN A 240 -39.99 6.13 -21.61
C ASN A 240 -40.37 4.82 -20.97
N SER A 241 -41.67 4.62 -20.79
CA SER A 241 -42.15 3.36 -20.25
C SER A 241 -43.58 3.10 -20.70
N THR A 242 -43.82 1.88 -21.17
CA THR A 242 -45.17 1.34 -21.27
C THR A 242 -45.42 0.30 -20.20
N GLY A 243 -44.61 0.28 -19.15
CA GLY A 243 -44.80 -0.58 -18.00
C GLY A 243 -43.49 -1.05 -17.39
N ASN A 244 -43.54 -1.36 -16.10
CA ASN A 244 -42.50 -2.01 -15.30
C ASN A 244 -41.31 -1.10 -14.97
N LEU A 245 -41.45 0.21 -15.14
CA LEU A 245 -40.35 1.12 -14.84
C LEU A 245 -40.22 1.37 -13.34
N ILE A 246 -39.05 1.11 -12.80
CA ILE A 246 -38.68 1.55 -11.46
C ILE A 246 -37.92 2.86 -11.62
N ALA A 247 -38.56 3.95 -11.27
CA ALA A 247 -38.05 5.26 -11.68
C ALA A 247 -37.12 5.86 -10.63
N PRO A 248 -36.16 6.68 -11.05
CA PRO A 248 -35.33 7.39 -10.10
C PRO A 248 -36.03 8.62 -9.55
N ARG A 249 -35.70 8.95 -8.31
CA ARG A 249 -36.23 10.17 -7.69
C ARG A 249 -35.26 11.34 -7.82
N GLY A 250 -34.15 11.16 -8.52
CA GLY A 250 -33.17 12.22 -8.70
C GLY A 250 -31.86 11.63 -9.18
N TYR A 251 -30.79 12.37 -8.96
CA TYR A 251 -29.46 11.95 -9.39
C TYR A 251 -28.49 11.99 -8.23
N PHE A 252 -27.40 11.23 -8.39
CA PHE A 252 -26.25 11.30 -7.50
C PHE A 252 -25.17 12.16 -8.15
N LYS A 253 -24.51 12.98 -7.33
CA LYS A 253 -23.28 13.60 -7.80
C LYS A 253 -22.23 12.52 -8.01
N ILE A 254 -21.43 12.67 -9.06
CA ILE A 254 -20.41 11.69 -9.39
C ILE A 254 -19.10 12.42 -9.60
N ARG A 255 -18.20 12.31 -8.63
CA ARG A 255 -16.91 13.00 -8.66
C ARG A 255 -15.81 12.04 -9.07
N SER A 256 -14.60 12.58 -9.16
CA SER A 256 -13.37 11.81 -9.22
C SER A 256 -12.49 12.27 -8.07
N GLY A 257 -11.94 11.33 -7.34
CA GLY A 257 -11.11 11.65 -6.20
C GLY A 257 -10.23 10.50 -5.81
N LYS A 258 -9.77 10.52 -4.56
CA LYS A 258 -8.93 9.46 -4.01
C LYS A 258 -9.74 8.39 -3.29
N SER A 259 -11.02 8.24 -3.62
CA SER A 259 -11.93 7.37 -2.88
C SER A 259 -11.93 5.96 -3.46
N SER A 260 -12.24 5.00 -2.59
CA SER A 260 -12.27 3.59 -2.97
C SER A 260 -13.06 2.81 -1.94
N ILE A 261 -13.04 1.49 -2.06
CA ILE A 261 -13.82 0.58 -1.24
C ILE A 261 -12.98 -0.66 -0.96
N MET A 262 -13.10 -1.21 0.25
CA MET A 262 -12.31 -2.36 0.66
C MET A 262 -13.18 -3.36 1.39
N ARG A 263 -12.91 -4.64 1.17
CA ARG A 263 -13.56 -5.73 1.91
C ARG A 263 -12.66 -6.14 3.07
N SER A 264 -13.20 -6.10 4.28
CA SER A 264 -12.44 -6.41 5.49
C SER A 264 -13.38 -6.54 6.67
N ASP A 265 -13.05 -7.46 7.57
CA ASP A 265 -13.72 -7.56 8.86
C ASP A 265 -12.81 -7.12 10.00
N ALA A 266 -11.80 -6.32 9.70
CA ALA A 266 -10.95 -5.76 10.75
C ALA A 266 -11.68 -4.62 11.43
N PRO A 267 -11.72 -4.58 12.75
CA PRO A 267 -12.44 -3.52 13.45
C PRO A 267 -11.78 -2.17 13.25
N ILE A 268 -12.57 -1.12 13.43
CA ILE A 268 -12.08 0.25 13.34
C ILE A 268 -11.53 0.68 14.69
N GLY A 269 -10.37 1.32 14.67
CA GLY A 269 -9.77 1.83 15.90
C GLY A 269 -9.49 3.31 15.88
N LYS A 270 -9.25 3.88 17.05
CA LYS A 270 -8.88 5.29 17.19
C LYS A 270 -7.35 5.37 17.14
N CYS A 271 -6.82 5.58 15.94
CA CYS A 271 -5.38 5.69 15.74
C CYS A 271 -5.12 6.41 14.42
N ASN A 272 -3.85 6.67 14.14
CA ASN A 272 -3.41 7.38 12.94
C ASN A 272 -2.45 6.51 12.15
N SER A 273 -2.83 6.17 10.93
CA SER A 273 -1.99 5.34 10.06
C SER A 273 -2.33 5.60 8.61
N GLU A 274 -1.31 5.93 7.83
CA GLU A 274 -1.51 6.26 6.41
C GLU A 274 -1.95 5.05 5.59
N CYS A 275 -1.45 3.86 5.91
CA CYS A 275 -1.63 2.69 5.06
C CYS A 275 -2.69 1.76 5.62
N ILE A 276 -3.63 1.35 4.77
CA ILE A 276 -4.72 0.46 5.15
C ILE A 276 -4.65 -0.79 4.28
N THR A 277 -4.71 -1.96 4.92
CA THR A 277 -4.91 -3.24 4.28
C THR A 277 -6.17 -3.88 4.83
N PRO A 278 -6.72 -4.90 4.15
CA PRO A 278 -7.85 -5.64 4.76
C PRO A 278 -7.49 -6.30 6.08
N ASN A 279 -6.20 -6.55 6.35
CA ASN A 279 -5.79 -7.07 7.64
C ASN A 279 -5.75 -6.00 8.73
N GLY A 280 -5.94 -4.74 8.36
CA GLY A 280 -5.73 -3.62 9.25
C GLY A 280 -4.61 -2.71 8.76
N SER A 281 -4.46 -1.60 9.45
CA SER A 281 -3.41 -0.66 9.11
C SER A 281 -2.03 -1.27 9.35
N ILE A 282 -1.07 -0.85 8.54
CA ILE A 282 0.33 -1.25 8.74
C ILE A 282 1.19 0.00 8.70
N PRO A 283 2.34 0.01 9.38
CA PRO A 283 3.24 1.15 9.26
C PRO A 283 3.85 1.20 7.87
N ASN A 284 4.13 2.42 7.39
CA ASN A 284 4.71 2.63 6.08
C ASN A 284 6.17 3.09 6.17
N ASP A 285 6.87 2.74 7.25
CA ASP A 285 8.28 3.12 7.34
C ASP A 285 9.15 2.29 6.40
N LYS A 286 8.78 1.03 6.15
CA LYS A 286 9.54 0.19 5.25
C LYS A 286 9.10 0.37 3.80
N PRO A 287 9.98 0.08 2.84
CA PRO A 287 9.59 0.23 1.43
C PRO A 287 8.78 -0.93 0.88
N PHE A 288 8.82 -2.10 1.53
CA PHE A 288 8.12 -3.27 1.04
C PHE A 288 7.28 -3.87 2.15
N GLN A 289 6.31 -4.70 1.76
CA GLN A 289 5.40 -5.36 2.68
C GLN A 289 4.85 -6.60 2.01
N ASN A 290 4.55 -7.62 2.80
CA ASN A 290 3.88 -8.79 2.28
C ASN A 290 2.65 -9.13 3.11
N VAL A 291 2.02 -8.09 3.69
CA VAL A 291 0.81 -8.29 4.47
C VAL A 291 -0.38 -8.59 3.55
N ASN A 292 -0.58 -7.75 2.53
CA ASN A 292 -1.70 -7.95 1.62
C ASN A 292 -1.41 -7.25 0.29
N ARG A 293 -1.82 -7.88 -0.81
CA ARG A 293 -1.74 -7.23 -2.11
C ARG A 293 -2.80 -6.14 -2.28
N ILE A 294 -3.78 -6.06 -1.38
CA ILE A 294 -4.81 -5.03 -1.39
C ILE A 294 -4.42 -3.97 -0.37
N THR A 295 -4.14 -2.75 -0.85
CA THR A 295 -3.78 -1.66 0.03
C THR A 295 -4.52 -0.40 -0.36
N TYR A 296 -4.49 0.57 0.55
CA TYR A 296 -5.05 1.90 0.30
C TYR A 296 -4.21 2.91 1.06
N GLY A 297 -3.77 3.94 0.35
CA GLY A 297 -2.97 5.00 0.95
C GLY A 297 -1.49 4.87 0.65
N ALA A 298 -0.70 5.62 1.41
CA ALA A 298 0.75 5.63 1.26
C ALA A 298 1.30 4.37 1.91
N CYS A 299 1.60 3.36 1.08
CA CYS A 299 1.91 2.03 1.56
C CYS A 299 3.24 1.54 1.02
N PRO A 300 3.90 0.63 1.74
CA PRO A 300 5.00 -0.13 1.13
C PRO A 300 4.45 -1.00 0.02
N ARG A 301 5.29 -1.30 -0.95
CA ARG A 301 4.86 -2.08 -2.10
C ARG A 301 4.85 -3.56 -1.77
N TYR A 302 3.80 -4.25 -2.21
CA TYR A 302 3.67 -5.67 -1.93
C TYR A 302 4.75 -6.47 -2.67
N VAL A 303 5.32 -7.44 -1.96
CA VAL A 303 6.27 -8.38 -2.55
C VAL A 303 5.96 -9.76 -1.99
N LYS A 304 6.47 -10.79 -2.66
CA LYS A 304 6.24 -12.15 -2.20
C LYS A 304 7.08 -12.52 -0.98
N GLN A 305 8.18 -11.79 -0.72
CA GLN A 305 9.16 -12.22 0.27
C GLN A 305 8.69 -11.95 1.71
N ASN A 306 8.93 -12.94 2.58
CA ASN A 306 8.75 -12.73 4.02
C ASN A 306 9.58 -11.56 4.51
N THR A 307 10.85 -11.52 4.14
CA THR A 307 11.84 -10.69 4.80
C THR A 307 12.96 -10.38 3.82
N LEU A 308 13.53 -9.19 3.96
CA LEU A 308 14.66 -8.76 3.15
C LEU A 308 15.54 -7.89 4.03
N LYS A 309 16.71 -8.41 4.39
CA LYS A 309 17.57 -7.78 5.36
C LYS A 309 18.61 -6.92 4.66
N LEU A 310 18.60 -5.62 4.96
CA LEU A 310 19.55 -4.68 4.40
C LEU A 310 20.71 -4.52 5.37
N ALA A 311 21.92 -4.83 4.91
CA ALA A 311 23.10 -4.67 5.76
C ALA A 311 23.30 -3.20 6.11
N THR A 312 23.43 -2.93 7.40
CA THR A 312 23.72 -1.59 7.91
C THR A 312 25.09 -1.52 8.58
N GLY A 313 25.91 -2.55 8.38
CA GLY A 313 27.23 -2.61 8.96
C GLY A 313 28.13 -3.50 8.12
N MET A 314 29.42 -3.40 8.44
CA MET A 314 30.45 -4.16 7.74
C MET A 314 30.27 -5.67 7.98
N ARG A 315 31.05 -6.46 7.25
CA ARG A 315 31.13 -7.88 7.53
C ARG A 315 31.60 -8.10 8.96
N ASN A 316 31.03 -9.11 9.62
CA ASN A 316 31.33 -9.42 11.00
C ASN A 316 32.35 -10.55 11.07
N VAL A 317 33.46 -10.32 11.77
CA VAL A 317 34.48 -11.34 11.97
C VAL A 317 34.83 -11.38 13.46
N PRO A 318 34.22 -12.25 14.25
CA PRO A 318 34.43 -12.23 15.70
C PRO A 318 35.77 -12.82 16.11
N GLU A 319 36.19 -12.46 17.32
CA GLU A 319 37.56 -12.69 17.80
C GLU A 319 37.89 -14.16 18.07
N GLY B 1 35.01 -7.07 0.83
CA GLY B 1 36.13 -7.90 0.43
C GLY B 1 36.93 -7.36 -0.74
N ILE B 2 36.42 -6.33 -1.42
CA ILE B 2 37.03 -5.90 -2.67
C ILE B 2 38.40 -5.28 -2.46
N PHE B 3 38.73 -4.82 -1.24
CA PHE B 3 40.06 -4.32 -0.94
C PHE B 3 40.89 -5.30 -0.11
N GLY B 4 40.29 -6.42 0.32
CA GLY B 4 41.04 -7.47 0.99
C GLY B 4 41.43 -7.20 2.42
N ALA B 5 40.89 -6.16 3.05
CA ALA B 5 41.26 -5.83 4.43
C ALA B 5 40.35 -6.55 5.41
N ILE B 6 39.09 -6.13 5.51
CA ILE B 6 38.15 -6.82 6.39
C ILE B 6 37.94 -8.24 5.88
N ALA B 7 38.06 -9.21 6.78
CA ALA B 7 38.01 -10.64 6.42
C ALA B 7 39.04 -10.96 5.35
N GLY B 8 40.16 -10.25 5.40
CA GLY B 8 41.30 -10.51 4.54
C GLY B 8 42.60 -10.50 5.32
N PHE B 9 43.47 -9.52 5.07
CA PHE B 9 44.72 -9.46 5.80
C PHE B 9 44.54 -9.00 7.24
N ILE B 10 43.33 -8.60 7.64
CA ILE B 10 42.99 -8.43 9.03
C ILE B 10 42.25 -9.68 9.47
N GLU B 11 42.81 -10.39 10.46
CA GLU B 11 42.32 -11.73 10.77
C GLU B 11 40.92 -11.71 11.37
N ASN B 12 40.64 -10.74 12.24
CA ASN B 12 39.32 -10.63 12.82
C ASN B 12 39.11 -9.21 13.32
N GLY B 13 37.86 -8.91 13.68
CA GLY B 13 37.53 -7.63 14.27
C GLY B 13 37.76 -7.62 15.76
N TRP B 14 37.58 -6.44 16.36
CA TRP B 14 37.74 -6.23 17.79
C TRP B 14 36.36 -6.07 18.41
N GLU B 15 35.89 -7.12 19.07
CA GLU B 15 34.63 -7.02 19.82
C GLU B 15 34.72 -5.99 20.94
N GLY B 16 35.93 -5.62 21.37
CA GLY B 16 36.08 -4.69 22.48
C GLY B 16 36.01 -3.23 22.10
N MET B 17 36.13 -2.91 20.81
CA MET B 17 35.99 -1.53 20.36
C MET B 17 34.51 -1.20 20.23
N MET B 18 33.99 -0.39 21.16
CA MET B 18 32.57 -0.08 21.21
C MET B 18 32.28 1.41 21.08
N ASP B 19 33.27 2.22 20.70
CA ASP B 19 33.07 3.63 20.42
C ASP B 19 33.38 3.99 18.97
N GLY B 20 33.50 2.99 18.09
CA GLY B 20 33.81 3.26 16.70
C GLY B 20 33.83 1.97 15.90
N TRP B 21 33.88 2.15 14.58
CA TRP B 21 33.94 1.02 13.64
C TRP B 21 35.36 0.68 13.23
N TYR B 22 36.25 1.67 13.22
CA TYR B 22 37.64 1.48 12.87
C TYR B 22 38.50 2.18 13.92
N GLY B 23 39.67 1.62 14.19
CA GLY B 23 40.47 2.20 15.25
C GLY B 23 41.91 1.71 15.24
N PHE B 24 42.58 2.01 16.35
CA PHE B 24 44.00 1.74 16.55
C PHE B 24 44.17 0.87 17.79
N ARG B 25 45.14 -0.05 17.73
CA ARG B 25 45.58 -0.81 18.89
C ARG B 25 47.10 -0.83 18.88
N HIS B 26 47.72 -0.28 19.92
CA HIS B 26 49.15 -0.06 19.96
C HIS B 26 49.78 -0.77 21.15
N GLN B 27 51.07 -1.04 21.04
CA GLN B 27 51.89 -1.50 22.15
C GLN B 27 53.23 -0.80 22.08
N ASN B 28 53.61 -0.12 23.16
CA ASN B 28 54.92 0.51 23.25
C ASN B 28 55.55 0.21 24.59
N SER B 29 56.44 1.10 25.06
CA SER B 29 57.09 0.90 26.35
C SER B 29 56.20 1.31 27.51
N GLU B 30 55.28 2.25 27.29
CA GLU B 30 54.38 2.68 28.34
C GLU B 30 53.19 1.75 28.53
N GLY B 31 52.92 0.85 27.58
CA GLY B 31 51.80 -0.06 27.72
C GLY B 31 51.08 -0.39 26.41
N THR B 32 49.79 -0.69 26.51
CA THR B 32 48.98 -1.11 25.37
C THR B 32 47.65 -0.37 25.40
N GLY B 33 47.16 0.07 24.22
CA GLY B 33 45.98 0.89 24.16
C GLY B 33 45.06 0.55 23.00
N GLN B 34 43.87 1.16 23.04
CA GLN B 34 42.86 1.03 21.99
C GLN B 34 42.05 2.31 21.91
N ALA B 35 41.99 2.91 20.73
CA ALA B 35 41.23 4.13 20.51
C ALA B 35 40.60 4.10 19.12
N ALA B 36 39.35 4.54 19.03
CA ALA B 36 38.61 4.49 17.77
C ALA B 36 38.91 5.72 16.92
N ASP B 37 38.97 5.52 15.61
CA ASP B 37 39.15 6.60 14.66
C ASP B 37 37.78 7.10 14.20
N LEU B 38 37.55 8.41 14.32
CA LEU B 38 36.21 8.96 14.08
C LEU B 38 35.97 9.24 12.61
N LYS B 39 36.95 9.83 11.92
CA LYS B 39 36.72 10.28 10.54
C LYS B 39 36.37 9.11 9.62
N SER B 40 37.00 7.96 9.82
CA SER B 40 36.67 6.79 9.01
C SER B 40 35.38 6.12 9.47
N THR B 41 35.15 6.10 10.80
CA THR B 41 33.89 5.57 11.31
C THR B 41 32.71 6.42 10.83
N GLN B 42 32.82 7.74 10.96
CA GLN B 42 31.77 8.63 10.47
C GLN B 42 31.60 8.51 8.96
N ALA B 43 32.68 8.25 8.22
CA ALA B 43 32.59 8.14 6.77
C ALA B 43 31.77 6.93 6.36
N ALA B 44 31.96 5.79 7.04
CA ALA B 44 31.17 4.61 6.72
C ALA B 44 29.72 4.78 7.15
N ILE B 45 29.50 5.33 8.35
CA ILE B 45 28.14 5.48 8.86
C ILE B 45 27.33 6.43 7.99
N ASN B 46 27.94 7.54 7.57
CA ASN B 46 27.23 8.51 6.75
C ASN B 46 26.82 7.91 5.42
N GLN B 47 27.67 7.07 4.83
CA GLN B 47 27.32 6.43 3.56
C GLN B 47 26.17 5.45 3.75
N ILE B 48 26.17 4.69 4.84
CA ILE B 48 25.12 3.71 5.07
C ILE B 48 23.80 4.41 5.39
N ASN B 49 23.86 5.50 6.17
CA ASN B 49 22.66 6.29 6.41
C ASN B 49 22.13 6.89 5.12
N GLY B 50 23.04 7.28 4.21
CA GLY B 50 22.60 7.77 2.91
C GLY B 50 21.75 6.76 2.17
N LYS B 51 22.20 5.50 2.15
CA LYS B 51 21.39 4.43 1.56
C LYS B 51 20.02 4.36 2.20
N LEU B 52 19.99 4.32 3.53
CA LEU B 52 18.73 4.14 4.25
C LEU B 52 17.75 5.26 3.94
N ASN B 53 18.25 6.51 3.94
CA ASN B 53 17.39 7.64 3.63
C ASN B 53 16.80 7.55 2.23
N ARG B 54 17.54 6.95 1.28
CA ARG B 54 16.99 6.75 -0.05
C ARG B 54 15.94 5.65 -0.11
N LEU B 55 15.82 4.82 0.92
CA LEU B 55 14.86 3.73 0.96
C LEU B 55 13.73 3.93 1.96
N ILE B 56 14.05 4.41 3.17
CA ILE B 56 13.05 4.50 4.23
C ILE B 56 12.04 5.59 3.92
N GLU B 57 10.76 5.29 4.17
CA GLU B 57 9.62 6.20 4.01
C GLU B 57 9.69 7.07 2.76
N LYS B 58 9.63 6.43 1.58
CA LYS B 58 9.56 7.11 0.29
C LYS B 58 8.38 6.57 -0.52
N THR B 59 7.32 6.15 0.17
CA THR B 59 6.36 5.19 -0.38
C THR B 59 5.45 5.82 -1.42
N ASN B 60 4.63 4.96 -2.02
CA ASN B 60 3.72 5.33 -3.10
C ASN B 60 2.29 5.42 -2.58
N GLU B 61 1.62 6.50 -2.94
CA GLU B 61 0.21 6.68 -2.60
C GLU B 61 -0.65 6.12 -3.72
N LYS B 62 -1.47 5.12 -3.40
CA LYS B 62 -2.45 4.58 -4.34
C LYS B 62 -3.82 4.57 -3.68
N PHE B 63 -4.84 4.78 -4.49
CA PHE B 63 -6.19 4.89 -3.96
C PHE B 63 -7.07 3.81 -4.59
N HIS B 64 -7.99 4.20 -5.47
CA HIS B 64 -8.81 3.18 -6.12
C HIS B 64 -8.00 2.46 -7.19
N GLN B 65 -8.00 1.13 -7.13
CA GLN B 65 -7.23 0.31 -8.05
C GLN B 65 -8.15 -0.71 -8.72
N ILE B 66 -7.69 -1.95 -8.84
CA ILE B 66 -8.51 -3.03 -9.36
C ILE B 66 -8.81 -4.01 -8.23
N GLU B 67 -9.86 -4.80 -8.42
CA GLU B 67 -10.15 -5.87 -7.48
C GLU B 67 -9.11 -6.97 -7.61
N LYS B 68 -8.78 -7.61 -6.48
CA LYS B 68 -7.74 -8.62 -6.43
C LYS B 68 -8.17 -9.90 -5.73
N GLU B 69 -9.42 -9.99 -5.29
CA GLU B 69 -10.01 -11.23 -4.82
C GLU B 69 -11.38 -11.37 -5.48
N PHE B 70 -11.78 -12.60 -5.74
CA PHE B 70 -12.99 -12.85 -6.53
C PHE B 70 -13.78 -14.00 -5.95
N SER B 71 -15.09 -13.83 -5.88
CA SER B 71 -16.00 -14.82 -5.32
C SER B 71 -16.67 -15.69 -6.38
N GLU B 72 -16.62 -15.30 -7.66
CA GLU B 72 -17.23 -16.07 -8.74
C GLU B 72 -16.21 -16.39 -9.80
N VAL B 73 -16.51 -17.45 -10.56
CA VAL B 73 -15.78 -17.74 -11.79
C VAL B 73 -16.34 -16.85 -12.90
N GLU B 74 -15.46 -16.19 -13.65
CA GLU B 74 -15.90 -15.22 -14.65
C GLU B 74 -15.18 -15.38 -15.99
N GLY B 75 -13.94 -15.84 -15.96
CA GLY B 75 -13.22 -16.12 -17.20
C GLY B 75 -12.38 -14.94 -17.66
N ARG B 76 -12.59 -14.54 -18.92
CA ARG B 76 -11.60 -13.76 -19.67
C ARG B 76 -11.16 -12.50 -18.92
N ILE B 77 -12.13 -11.70 -18.44
CA ILE B 77 -11.77 -10.44 -17.79
C ILE B 77 -11.11 -10.70 -16.45
N GLN B 78 -11.58 -11.70 -15.71
CA GLN B 78 -10.98 -12.01 -14.42
C GLN B 78 -9.56 -12.55 -14.59
N ASP B 79 -9.33 -13.35 -15.63
CA ASP B 79 -7.99 -13.86 -15.90
C ASP B 79 -7.01 -12.71 -16.10
N LEU B 80 -7.40 -11.71 -16.89
CA LEU B 80 -6.53 -10.59 -17.15
C LEU B 80 -6.29 -9.75 -15.89
N GLU B 81 -7.31 -9.59 -15.05
CA GLU B 81 -7.14 -8.87 -13.79
C GLU B 81 -6.17 -9.60 -12.87
N LYS B 82 -6.29 -10.92 -12.76
CA LYS B 82 -5.34 -11.71 -11.98
C LYS B 82 -3.95 -11.65 -12.61
N TYR B 83 -3.87 -11.77 -13.93
CA TYR B 83 -2.58 -11.76 -14.61
C TYR B 83 -1.85 -10.44 -14.41
N VAL B 84 -2.56 -9.32 -14.63
CA VAL B 84 -1.98 -8.00 -14.42
C VAL B 84 -1.35 -7.90 -13.04
N GLU B 85 -2.11 -8.30 -12.01
CA GLU B 85 -1.62 -8.17 -10.65
C GLU B 85 -0.48 -9.13 -10.36
N ASP B 86 -0.62 -10.39 -10.78
CA ASP B 86 0.47 -11.36 -10.57
C ASP B 86 1.74 -10.91 -11.28
N THR B 87 1.61 -10.28 -12.45
CA THR B 87 2.78 -9.77 -13.16
C THR B 87 3.43 -8.64 -12.38
N LYS B 88 2.62 -7.72 -11.86
CA LYS B 88 3.15 -6.59 -11.10
C LYS B 88 3.91 -7.06 -9.86
N ILE B 89 3.33 -8.01 -9.12
CA ILE B 89 3.94 -8.45 -7.87
C ILE B 89 5.28 -9.12 -8.15
N ASP B 90 5.36 -9.94 -9.19
CA ASP B 90 6.61 -10.60 -9.54
C ASP B 90 7.68 -9.58 -9.88
N LEU B 91 7.32 -8.52 -10.60
CA LEU B 91 8.30 -7.52 -11.01
C LEU B 91 8.82 -6.74 -9.81
N TRP B 92 7.93 -6.33 -8.91
CA TRP B 92 8.39 -5.62 -7.71
C TRP B 92 9.14 -6.55 -6.78
N SER B 93 8.72 -7.82 -6.69
CA SER B 93 9.49 -8.81 -5.94
C SER B 93 10.91 -8.92 -6.49
N TYR B 94 11.06 -8.92 -7.82
CA TYR B 94 12.39 -8.94 -8.41
C TYR B 94 13.16 -7.69 -8.06
N ASN B 95 12.54 -6.51 -8.22
CA ASN B 95 13.19 -5.26 -7.86
C ASN B 95 13.67 -5.29 -6.42
N ALA B 96 12.87 -5.86 -5.52
CA ALA B 96 13.24 -5.92 -4.11
C ALA B 96 14.45 -6.82 -3.88
N GLU B 97 14.47 -8.00 -4.51
CA GLU B 97 15.58 -8.93 -4.33
C GLU B 97 16.90 -8.35 -4.84
N LEU B 98 16.88 -7.78 -6.05
CA LEU B 98 18.09 -7.21 -6.62
C LEU B 98 18.55 -6.01 -5.82
N LEU B 99 17.63 -5.13 -5.42
CA LEU B 99 17.98 -3.97 -4.62
C LEU B 99 18.80 -4.36 -3.40
N VAL B 100 18.28 -5.30 -2.61
CA VAL B 100 18.96 -5.70 -1.37
C VAL B 100 20.30 -6.36 -1.69
N ALA B 101 20.33 -7.23 -2.70
CA ALA B 101 21.59 -7.87 -3.09
C ALA B 101 22.64 -6.84 -3.47
N LEU B 102 22.28 -5.91 -4.38
CA LEU B 102 23.21 -4.88 -4.79
C LEU B 102 23.68 -4.03 -3.61
N GLU B 103 22.73 -3.53 -2.80
CA GLU B 103 23.08 -2.65 -1.69
C GLU B 103 24.01 -3.34 -0.70
N ASN B 104 23.73 -4.61 -0.38
CA ASN B 104 24.55 -5.32 0.60
C ASN B 104 25.96 -5.55 0.08
N GLN B 105 26.12 -5.95 -1.17
CA GLN B 105 27.44 -6.10 -1.76
C GLN B 105 28.22 -4.80 -1.70
N HIS B 106 27.55 -3.67 -1.94
CA HIS B 106 28.20 -2.37 -1.89
C HIS B 106 28.52 -1.95 -0.46
N THR B 107 27.61 -2.27 0.48
CA THR B 107 27.86 -1.95 1.89
C THR B 107 29.09 -2.68 2.41
N ILE B 108 29.26 -3.95 2.03
CA ILE B 108 30.44 -4.68 2.43
C ILE B 108 31.69 -4.10 1.77
N ASP B 109 31.58 -3.71 0.50
CA ASP B 109 32.75 -3.18 -0.20
C ASP B 109 33.14 -1.80 0.31
N LEU B 110 32.15 -0.95 0.63
CA LEU B 110 32.49 0.39 1.10
C LEU B 110 33.05 0.38 2.53
N THR B 111 32.60 -0.56 3.36
CA THR B 111 33.22 -0.69 4.68
C THR B 111 34.63 -1.22 4.57
N ASP B 112 34.87 -2.14 3.62
CA ASP B 112 36.23 -2.57 3.32
C ASP B 112 37.05 -1.41 2.77
N SER B 113 36.46 -0.60 1.89
CA SER B 113 37.13 0.58 1.37
C SER B 113 37.57 1.51 2.49
N GLU B 114 36.66 1.79 3.44
CA GLU B 114 36.99 2.74 4.49
C GLU B 114 38.08 2.21 5.42
N MET B 115 38.13 0.90 5.65
CA MET B 115 39.23 0.31 6.39
C MET B 115 40.56 0.56 5.69
N ASN B 116 40.62 0.27 4.39
CA ASN B 116 41.83 0.46 3.62
C ASN B 116 42.28 1.91 3.63
N LYS B 117 41.33 2.84 3.51
CA LYS B 117 41.65 4.26 3.52
C LYS B 117 42.37 4.65 4.80
N LEU B 118 41.91 4.14 5.93
CA LEU B 118 42.56 4.43 7.21
C LEU B 118 43.95 3.84 7.26
N PHE B 119 44.09 2.58 6.81
CA PHE B 119 45.40 1.94 6.71
C PHE B 119 46.34 2.77 5.86
N GLU B 120 45.87 3.22 4.69
CA GLU B 120 46.72 4.01 3.80
C GLU B 120 47.05 5.37 4.40
N ARG B 121 46.07 6.00 5.06
CA ARG B 121 46.33 7.27 5.73
C ARG B 121 47.46 7.14 6.73
N THR B 122 47.45 6.07 7.53
CA THR B 122 48.49 5.88 8.52
C THR B 122 49.83 5.57 7.87
N ARG B 123 49.82 4.71 6.85
CA ARG B 123 51.07 4.29 6.22
C ARG B 123 51.84 5.48 5.66
N LYS B 124 51.17 6.40 4.96
CA LYS B 124 51.85 7.58 4.43
C LYS B 124 52.32 8.50 5.54
N GLN B 125 51.61 8.52 6.67
CA GLN B 125 51.98 9.40 7.78
C GLN B 125 53.31 8.97 8.39
N LEU B 126 53.53 7.66 8.51
CA LEU B 126 54.71 7.15 9.20
C LEU B 126 55.96 7.21 8.34
N ARG B 127 55.84 7.48 7.04
CA ARG B 127 56.96 7.73 6.12
C ARG B 127 57.93 6.55 6.21
N GLU B 128 59.23 6.79 6.44
CA GLU B 128 60.21 5.71 6.50
C GLU B 128 60.54 5.31 7.94
N ASN B 129 59.69 5.67 8.90
CA ASN B 129 59.88 5.30 10.29
C ASN B 129 59.23 3.98 10.69
N ALA B 130 58.57 3.29 9.75
CA ALA B 130 57.79 2.11 10.11
C ALA B 130 57.73 1.15 8.93
N GLU B 131 57.31 -0.08 9.23
CA GLU B 131 57.20 -1.11 8.21
C GLU B 131 55.93 -1.92 8.41
N ASP B 132 55.24 -2.17 7.31
CA ASP B 132 53.98 -2.92 7.33
C ASP B 132 54.27 -4.39 7.62
N MET B 133 53.71 -4.91 8.71
CA MET B 133 53.93 -6.30 9.08
C MET B 133 53.05 -7.26 8.29
N GLY B 134 52.08 -6.76 7.52
CA GLY B 134 51.29 -7.59 6.64
C GLY B 134 49.94 -8.01 7.17
N ASN B 135 49.69 -7.83 8.47
CA ASN B 135 48.44 -8.21 9.11
C ASN B 135 47.70 -7.00 9.66
N GLY B 136 47.82 -5.85 8.99
CA GLY B 136 47.22 -4.63 9.47
C GLY B 136 47.95 -3.95 10.61
N CYS B 137 49.19 -4.34 10.88
CA CYS B 137 49.98 -3.76 11.98
C CYS B 137 51.28 -3.20 11.42
N PHE B 138 51.67 -2.04 11.93
CA PHE B 138 52.93 -1.40 11.57
C PHE B 138 53.93 -1.59 12.71
N LYS B 139 55.17 -1.95 12.37
CA LYS B 139 56.25 -1.97 13.35
C LYS B 139 56.93 -0.61 13.33
N ILE B 140 56.92 0.07 14.47
CA ILE B 140 57.49 1.41 14.60
C ILE B 140 58.90 1.29 15.18
N TYR B 141 59.89 1.75 14.43
CA TYR B 141 61.30 1.54 14.74
C TYR B 141 61.89 2.64 15.62
N HIS B 142 61.15 3.17 16.59
CA HIS B 142 61.71 4.19 17.47
C HIS B 142 60.88 4.25 18.74
N LYS B 143 61.44 4.94 19.73
CA LYS B 143 60.71 5.21 20.96
C LYS B 143 59.47 6.03 20.67
N CYS B 144 58.30 5.50 21.03
CA CYS B 144 57.04 6.16 20.75
C CYS B 144 56.12 5.96 21.95
N ASP B 145 56.22 6.89 22.90
CA ASP B 145 55.36 6.87 24.08
C ASP B 145 53.92 7.20 23.67
N ASN B 146 53.05 7.34 24.67
CA ASN B 146 51.64 7.52 24.40
C ASN B 146 51.35 8.87 23.74
N ALA B 147 52.11 9.91 24.07
CA ALA B 147 51.95 11.18 23.38
C ALA B 147 52.37 11.08 21.92
N CYS B 148 53.30 10.16 21.63
CA CYS B 148 53.73 9.93 20.25
C CYS B 148 52.65 9.14 19.48
N ILE B 149 52.06 8.12 20.13
CA ILE B 149 50.93 7.42 19.55
C ILE B 149 49.78 8.39 19.29
N GLY B 150 49.49 9.26 20.28
CA GLY B 150 48.39 10.18 20.14
C GLY B 150 48.55 11.12 18.95
N SER B 151 49.79 11.53 18.67
CA SER B 151 50.03 12.41 17.52
C SER B 151 49.78 11.70 16.21
N ILE B 152 50.02 10.38 16.16
CA ILE B 152 49.71 9.62 14.95
C ILE B 152 48.20 9.57 14.74
N ARG B 153 47.46 9.13 15.76
CA ARG B 153 46.00 9.12 15.68
C ARG B 153 45.47 10.51 15.35
N ASN B 154 45.94 11.54 16.05
CA ASN B 154 45.45 12.90 15.85
C ASN B 154 45.92 13.51 14.55
N GLY B 155 46.92 12.92 13.90
CA GLY B 155 47.45 13.49 12.67
C GLY B 155 48.40 14.66 12.89
N THR B 156 49.14 14.67 13.99
CA THR B 156 50.10 15.73 14.29
C THR B 156 51.53 15.22 14.36
N TYR B 157 51.75 13.96 13.98
CA TYR B 157 53.04 13.29 14.10
C TYR B 157 54.04 13.83 13.10
N ASP B 158 55.10 14.47 13.59
CA ASP B 158 56.20 14.92 12.75
C ASP B 158 57.18 13.77 12.56
N HIS B 159 57.19 13.17 11.37
CA HIS B 159 58.08 12.05 11.12
C HIS B 159 59.55 12.47 11.11
N ASP B 160 59.83 13.73 10.75
CA ASP B 160 61.20 14.22 10.73
C ASP B 160 61.86 14.07 12.10
N VAL B 161 61.09 14.24 13.17
CA VAL B 161 61.65 14.28 14.52
C VAL B 161 62.26 12.93 14.90
N TYR B 162 61.72 11.83 14.36
CA TYR B 162 62.20 10.49 14.70
C TYR B 162 62.90 9.79 13.55
N ARG B 163 63.06 10.45 12.39
CA ARG B 163 63.58 9.79 11.20
C ARG B 163 64.96 9.19 11.44
N ASP B 164 65.88 10.00 11.97
CA ASP B 164 67.25 9.53 12.22
C ASP B 164 67.24 8.29 13.12
N GLU B 165 66.44 8.32 14.18
CA GLU B 165 66.39 7.18 15.10
C GLU B 165 65.82 5.94 14.43
N ALA B 166 64.75 6.10 13.65
CA ALA B 166 64.13 4.94 13.01
C ALA B 166 65.00 4.38 11.88
N LEU B 167 65.59 5.26 11.07
CA LEU B 167 66.47 4.82 9.99
C LEU B 167 67.63 4.01 10.54
N ASN B 168 68.14 4.38 11.71
CA ASN B 168 69.24 3.63 12.32
C ASN B 168 68.80 2.23 12.72
N ASN B 169 67.61 2.11 13.32
CA ASN B 169 67.11 0.80 13.73
C ASN B 169 66.68 -0.03 12.52
N ARG B 170 66.10 0.62 11.51
CA ARG B 170 65.61 -0.13 10.35
C ARG B 170 66.74 -0.78 9.58
N PHE B 171 67.87 -0.08 9.45
CA PHE B 171 68.96 -0.52 8.59
C PHE B 171 70.21 -0.91 9.39
N GLN B 172 69.99 -1.40 10.60
CA GLN B 172 71.07 -1.99 11.41
C GLN B 172 71.38 -3.40 10.90
N ILE B 173 72.55 -3.88 11.27
CA ILE B 173 72.99 -5.20 10.81
C ILE B 173 73.38 -6.08 11.99
#